data_4KOR
#
_entry.id   4KOR
#
_cell.length_a   56.827
_cell.length_b   75.992
_cell.length_c   39.103
_cell.angle_alpha   90.00
_cell.angle_beta   90.00
_cell.angle_gamma   90.00
#
_symmetry.space_group_name_H-M   'P 21 21 2'
#
loop_
_entity.id
_entity.type
_entity.pdbx_description
1 polymer 'Uncharacterized protein'
2 non-polymer '7-aminocephalosporanic acid'
3 non-polymer 'SULFATE ION'
4 non-polymer 1,2-ETHANEDIOL
5 water water
#
_entity_poly.entity_id   1
_entity_poly.type   'polypeptide(L)'
_entity_poly.pdbx_seq_one_letter_code
;GHMQLSHRPAETGDLETVAGFPQDRDELFYCYPKAIWPFSVAQLAAAIAERRGSTVAVHDGQVLGFANFYQWQHGDFCAL
GNMMVAPAARGLGVARYLIGVMENLAREQYKARLMKISCFNANAAGLLLYTQLGYQPRAIAERHDPDGRRVALIQMDKPL
EP
;
_entity_poly.pdbx_strand_id   A
#
# COMPACT_ATOMS: atom_id res chain seq x y z
N MET A 3 -16.46 12.23 -5.49
CA MET A 3 -15.76 10.93 -5.21
C MET A 3 -16.61 9.97 -4.39
N GLN A 4 -17.39 9.12 -5.05
CA GLN A 4 -18.20 8.08 -4.35
C GLN A 4 -17.48 6.70 -4.35
N LEU A 5 -16.63 6.47 -3.36
CA LEU A 5 -15.74 5.31 -3.38
C LEU A 5 -16.37 4.10 -2.73
N SER A 6 -16.11 2.93 -3.29
CA SER A 6 -16.50 1.65 -2.72
C SER A 6 -15.26 0.77 -2.73
N HIS A 7 -15.35 -0.38 -2.07
CA HIS A 7 -14.25 -1.33 -2.03
C HIS A 7 -14.75 -2.75 -2.13
N ARG A 8 -13.88 -3.64 -2.56
CA ARG A 8 -14.13 -5.07 -2.62
C ARG A 8 -12.81 -5.79 -2.74
N PRO A 9 -12.80 -7.09 -2.45
CA PRO A 9 -11.57 -7.84 -2.69
C PRO A 9 -11.16 -7.75 -4.15
N ALA A 10 -9.86 -7.71 -4.38
CA ALA A 10 -9.32 -7.75 -5.74
C ALA A 10 -9.69 -9.08 -6.41
N GLU A 11 -9.95 -9.00 -7.70
CA GLU A 11 -10.31 -10.14 -8.53
C GLU A 11 -9.32 -10.30 -9.68
N THR A 12 -9.27 -11.47 -10.32
CA THR A 12 -8.31 -11.66 -11.42
C THR A 12 -8.55 -10.67 -12.56
N GLY A 13 -9.79 -10.27 -12.79
CA GLY A 13 -10.09 -9.32 -13.84
C GLY A 13 -9.57 -7.92 -13.56
N ASP A 14 -9.19 -7.64 -12.32
CA ASP A 14 -8.63 -6.33 -11.95
C ASP A 14 -7.11 -6.27 -12.22
N LEU A 15 -6.44 -7.42 -12.40
CA LEU A 15 -4.98 -7.44 -12.44
C LEU A 15 -4.35 -6.56 -13.45
N GLU A 16 -4.84 -6.62 -14.69
CA GLU A 16 -4.19 -5.81 -15.72
C GLU A 16 -4.26 -4.32 -15.39
N THR A 17 -5.43 -3.88 -14.92
CA THR A 17 -5.61 -2.48 -14.54
C THR A 17 -4.67 -2.10 -13.44
N VAL A 18 -4.64 -2.87 -12.36
CA VAL A 18 -3.83 -2.52 -11.23
C VAL A 18 -2.34 -2.56 -11.60
N ALA A 19 -1.95 -3.55 -12.39
CA ALA A 19 -0.55 -3.67 -12.79
C ALA A 19 -0.11 -2.49 -13.64
N GLY A 20 -1.07 -1.75 -14.22
CA GLY A 20 -0.75 -0.54 -14.93
C GLY A 20 -0.57 0.70 -14.09
N PHE A 21 -0.81 0.63 -12.77
CA PHE A 21 -0.73 1.82 -11.96
C PHE A 21 0.66 2.42 -11.79
N PRO A 22 1.69 1.63 -11.48
CA PRO A 22 3.04 2.22 -11.33
C PRO A 22 3.57 2.71 -12.68
N GLN A 23 3.96 3.95 -12.71
CA GLN A 23 4.27 4.62 -13.99
C GLN A 23 5.72 4.57 -14.39
N ASP A 24 6.62 4.27 -13.48
CA ASP A 24 8.04 4.17 -13.76
C ASP A 24 8.69 3.31 -12.68
N ARG A 25 9.96 3.00 -12.85
CA ARG A 25 10.71 2.19 -11.95
C ARG A 25 10.71 2.67 -10.51
N ASP A 26 10.71 3.97 -10.34
CA ASP A 26 10.69 4.57 -9.04
C ASP A 26 9.37 4.30 -8.34
N GLU A 27 8.27 4.53 -9.04
CA GLU A 27 7.00 4.27 -8.47
C GLU A 27 6.83 2.79 -8.09
N LEU A 28 7.26 1.88 -8.95
CA LEU A 28 7.17 0.48 -8.65
C LEU A 28 8.00 0.17 -7.42
N PHE A 29 9.20 0.70 -7.33
CA PHE A 29 10.04 0.49 -6.17
C PHE A 29 9.36 0.96 -4.89
N TYR A 30 8.69 2.08 -4.92
CA TYR A 30 8.09 2.61 -3.71
C TYR A 30 6.95 1.78 -3.21
N CYS A 31 6.20 1.12 -4.09
CA CYS A 31 5.04 0.35 -3.66
C CYS A 31 5.29 -1.15 -3.62
N TYR A 32 6.39 -1.60 -4.17
CA TYR A 32 6.68 -3.04 -4.24
C TYR A 32 8.17 -3.21 -4.53
N PRO A 33 9.01 -2.99 -3.52
CA PRO A 33 10.45 -2.95 -3.81
C PRO A 33 11.06 -4.26 -4.29
N LYS A 34 10.44 -5.40 -4.01
CA LYS A 34 10.92 -6.68 -4.52
C LYS A 34 10.60 -6.90 -5.98
N ALA A 35 9.65 -6.16 -6.53
CA ALA A 35 9.28 -6.35 -7.94
C ALA A 35 10.40 -5.88 -8.85
N ILE A 36 10.31 -6.29 -10.10
N ILE A 36 10.35 -6.30 -10.10
CA ILE A 36 11.28 -5.92 -11.13
CA ILE A 36 11.30 -5.80 -11.08
C ILE A 36 10.54 -5.22 -12.24
C ILE A 36 10.55 -5.20 -12.23
N TRP A 37 11.03 -4.07 -12.67
CA TRP A 37 10.42 -3.32 -13.76
C TRP A 37 10.72 -4.05 -15.10
N PRO A 38 9.74 -4.19 -15.99
CA PRO A 38 8.39 -3.70 -15.91
C PRO A 38 7.49 -4.60 -15.10
N PHE A 39 6.54 -3.96 -14.45
CA PHE A 39 5.57 -4.71 -13.66
C PHE A 39 4.70 -5.53 -14.62
N SER A 40 4.04 -6.51 -14.07
CA SER A 40 3.24 -7.45 -14.85
C SER A 40 2.17 -8.05 -14.02
N VAL A 41 1.16 -8.57 -14.66
CA VAL A 41 0.14 -9.27 -13.96
C VAL A 41 0.66 -10.50 -13.20
N ALA A 42 1.68 -11.18 -13.74
CA ALA A 42 2.22 -12.34 -13.04
C ALA A 42 2.85 -11.89 -11.72
N GLN A 43 3.59 -10.81 -11.71
CA GLN A 43 4.21 -10.33 -10.48
C GLN A 43 3.14 -9.89 -9.49
N LEU A 44 2.11 -9.22 -9.96
CA LEU A 44 1.04 -8.79 -9.07
C LEU A 44 0.32 -10.00 -8.46
N ALA A 45 -0.04 -10.98 -9.30
CA ALA A 45 -0.70 -12.19 -8.83
C ALA A 45 0.17 -12.92 -7.79
N ALA A 46 1.47 -12.95 -7.98
CA ALA A 46 2.37 -13.63 -7.05
C ALA A 46 2.36 -12.92 -5.69
N ALA A 47 2.32 -11.60 -5.69
CA ALA A 47 2.23 -10.82 -4.46
C ALA A 47 0.91 -11.12 -3.77
N ILE A 48 -0.18 -11.09 -4.53
CA ILE A 48 -1.49 -11.38 -3.97
C ILE A 48 -1.51 -12.75 -3.27
N ALA A 49 -0.93 -13.74 -3.93
CA ALA A 49 -0.95 -15.07 -3.41
C ALA A 49 -0.19 -15.20 -2.12
N GLU A 50 0.89 -14.45 -1.93
CA GLU A 50 1.64 -14.56 -0.72
C GLU A 50 1.28 -13.57 0.35
N ARG A 51 0.28 -12.76 0.14
CA ARG A 51 -0.14 -11.69 1.05
C ARG A 51 -1.58 -11.93 1.49
N ARG A 52 -2.17 -10.99 2.22
CA ARG A 52 -3.53 -11.04 2.65
C ARG A 52 -4.24 -9.76 2.38
N GLY A 53 -5.55 -9.82 2.24
CA GLY A 53 -6.37 -8.65 2.26
C GLY A 53 -6.25 -7.76 1.03
N SER A 54 -5.93 -8.33 -0.15
CA SER A 54 -5.83 -7.54 -1.37
C SER A 54 -7.16 -6.98 -1.75
N THR A 55 -7.26 -5.65 -1.80
CA THR A 55 -8.49 -4.91 -1.90
C THR A 55 -8.37 -3.83 -2.94
N VAL A 56 -9.43 -3.60 -3.71
CA VAL A 56 -9.51 -2.50 -4.64
C VAL A 56 -10.51 -1.47 -4.17
N ALA A 57 -10.22 -0.22 -4.54
CA ALA A 57 -11.14 0.92 -4.41
C ALA A 57 -11.67 1.26 -5.79
N VAL A 58 -12.97 1.49 -5.84
CA VAL A 58 -13.70 1.70 -7.08
C VAL A 58 -14.47 3.03 -7.02
N HIS A 59 -14.43 3.79 -8.08
CA HIS A 59 -15.24 5.01 -8.21
C HIS A 59 -15.72 5.11 -9.63
N ASP A 60 -17.00 5.39 -9.82
CA ASP A 60 -17.56 5.58 -11.17
C ASP A 60 -17.22 4.44 -12.08
N GLY A 61 -17.33 3.24 -11.52
CA GLY A 61 -17.06 2.04 -12.30
C GLY A 61 -15.64 1.74 -12.69
N GLN A 62 -14.68 2.44 -12.08
CA GLN A 62 -13.27 2.24 -12.38
C GLN A 62 -12.55 1.81 -11.12
N VAL A 63 -11.68 0.85 -11.25
CA VAL A 63 -10.72 0.47 -10.19
C VAL A 63 -9.67 1.56 -10.17
N LEU A 64 -9.53 2.25 -9.04
CA LEU A 64 -8.59 3.36 -8.92
C LEU A 64 -7.52 3.15 -7.89
N GLY A 65 -7.64 2.15 -7.02
CA GLY A 65 -6.65 1.91 -5.99
C GLY A 65 -6.59 0.46 -5.60
N PHE A 66 -5.47 0.07 -5.03
CA PHE A 66 -5.18 -1.30 -4.58
C PHE A 66 -4.30 -1.21 -3.36
N ALA A 67 -4.46 -2.16 -2.43
CA ALA A 67 -3.55 -2.32 -1.29
C ALA A 67 -3.72 -3.73 -0.73
N ASN A 68 -2.77 -4.14 0.09
CA ASN A 68 -2.85 -5.41 0.78
C ASN A 68 -2.02 -5.33 2.07
N PHE A 69 -1.93 -6.46 2.77
CA PHE A 69 -1.04 -6.59 3.91
C PHE A 69 0.11 -7.53 3.53
N TYR A 70 1.36 -7.11 3.79
CA TYR A 70 2.48 -8.01 3.64
C TYR A 70 2.92 -8.68 4.93
N GLN A 71 2.41 -8.17 6.08
CA GLN A 71 2.55 -8.87 7.34
C GLN A 71 1.25 -8.77 8.07
N TRP A 72 0.96 -9.81 8.82
CA TRP A 72 -0.29 -9.89 9.56
C TRP A 72 0.00 -10.78 10.76
N GLN A 73 -0.30 -10.27 11.95
CA GLN A 73 -0.02 -10.97 13.22
C GLN A 73 -1.24 -10.75 14.08
N HIS A 74 -2.01 -11.81 14.25
CA HIS A 74 -3.25 -11.71 14.99
C HIS A 74 -3.06 -11.17 16.41
N GLY A 75 -3.91 -10.22 16.76
CA GLY A 75 -3.86 -9.57 18.08
C GLY A 75 -2.76 -8.56 18.21
N ASP A 76 -2.02 -8.28 17.11
CA ASP A 76 -0.81 -7.52 17.23
C ASP A 76 -0.80 -6.37 16.23
N PHE A 77 -0.49 -6.67 14.95
CA PHE A 77 -0.39 -5.66 13.95
C PHE A 77 -0.59 -6.25 12.56
N CYS A 78 -0.86 -5.35 11.62
CA CYS A 78 -0.69 -5.64 10.19
C CYS A 78 0.24 -4.59 9.61
N ALA A 79 0.87 -4.95 8.49
CA ALA A 79 1.76 -4.01 7.75
C ALA A 79 1.16 -3.87 6.36
N LEU A 80 0.88 -2.63 5.99
N LEU A 80 0.89 -2.63 5.99
CA LEU A 80 0.21 -2.27 4.74
CA LEU A 80 0.19 -2.29 4.74
C LEU A 80 1.23 -2.26 3.63
C LEU A 80 1.21 -2.25 3.63
N GLY A 81 0.85 -2.84 2.50
CA GLY A 81 1.71 -2.92 1.34
C GLY A 81 1.02 -2.63 0.04
N ASN A 82 1.85 -2.52 -1.00
CA ASN A 82 1.38 -2.46 -2.38
C ASN A 82 0.32 -1.39 -2.57
N MET A 83 0.50 -0.22 -2.00
CA MET A 83 -0.45 0.86 -2.13
C MET A 83 -0.26 1.53 -3.49
N MET A 84 -1.21 1.35 -4.36
CA MET A 84 -1.14 1.82 -5.72
C MET A 84 -2.40 2.54 -6.10
N VAL A 85 -2.27 3.64 -6.82
CA VAL A 85 -3.39 4.47 -7.27
C VAL A 85 -3.24 4.78 -8.76
N ALA A 86 -4.36 4.73 -9.47
CA ALA A 86 -4.40 5.10 -10.89
C ALA A 86 -3.87 6.53 -11.03
N PRO A 87 -2.98 6.79 -12.02
CA PRO A 87 -2.45 8.14 -12.23
C PRO A 87 -3.49 9.27 -12.33
N ALA A 88 -4.60 9.01 -13.00
CA ALA A 88 -5.63 10.04 -13.14
C ALA A 88 -6.31 10.42 -11.84
N ALA A 89 -6.26 9.49 -10.89
CA ALA A 89 -6.95 9.64 -9.66
C ALA A 89 -6.05 10.01 -8.51
N ARG A 90 -4.79 10.38 -8.77
CA ARG A 90 -3.92 10.76 -7.66
C ARG A 90 -4.29 12.10 -7.08
N GLY A 91 -4.14 12.20 -5.77
CA GLY A 91 -4.47 13.42 -5.07
C GLY A 91 -5.93 13.60 -4.75
N LEU A 92 -6.76 12.61 -5.04
CA LEU A 92 -8.22 12.70 -4.90
C LEU A 92 -8.79 11.94 -3.74
N GLY A 93 -7.94 11.43 -2.86
CA GLY A 93 -8.45 10.75 -1.68
C GLY A 93 -8.56 9.26 -1.78
N VAL A 94 -8.10 8.67 -2.88
CA VAL A 94 -8.21 7.22 -3.05
C VAL A 94 -7.36 6.49 -2.02
N ALA A 95 -6.09 6.84 -1.90
CA ALA A 95 -5.23 6.19 -0.91
C ALA A 95 -5.73 6.41 0.50
N ARG A 96 -6.15 7.63 0.80
N ARG A 96 -6.13 7.63 0.82
CA ARG A 96 -6.67 7.93 2.11
CA ARG A 96 -6.68 7.92 2.12
C ARG A 96 -7.88 7.01 2.43
C ARG A 96 -7.89 7.00 2.43
N TYR A 97 -8.79 6.89 1.47
CA TYR A 97 -9.95 6.02 1.57
C TYR A 97 -9.51 4.57 1.81
N LEU A 98 -8.65 4.08 0.95
CA LEU A 98 -8.27 2.68 1.06
C LEU A 98 -7.53 2.36 2.34
N ILE A 99 -6.68 3.27 2.79
CA ILE A 99 -6.01 3.05 4.05
C ILE A 99 -7.02 2.92 5.19
N GLY A 100 -8.04 3.71 5.21
CA GLY A 100 -9.09 3.59 6.22
C GLY A 100 -9.80 2.25 6.15
N VAL A 101 -10.06 1.76 4.94
CA VAL A 101 -10.61 0.43 4.74
C VAL A 101 -9.69 -0.65 5.27
N MET A 102 -8.40 -0.51 5.00
CA MET A 102 -7.44 -1.50 5.43
C MET A 102 -7.25 -1.47 6.97
N GLU A 103 -7.31 -0.28 7.58
CA GLU A 103 -7.32 -0.16 9.04
C GLU A 103 -8.50 -0.93 9.66
N ASN A 104 -9.70 -0.75 9.10
CA ASN A 104 -10.84 -1.52 9.56
C ASN A 104 -10.65 -3.00 9.39
N LEU A 105 -10.09 -3.43 8.25
CA LEU A 105 -9.90 -4.81 8.05
C LEU A 105 -8.85 -5.39 9.04
N ALA A 106 -7.75 -4.66 9.32
CA ALA A 106 -6.77 -5.10 10.30
C ALA A 106 -7.44 -5.28 11.68
N ARG A 107 -8.25 -4.31 12.07
CA ARG A 107 -8.96 -4.41 13.35
C ARG A 107 -9.89 -5.59 13.38
N GLU A 108 -10.68 -5.75 12.34
CA GLU A 108 -11.81 -6.65 12.40
C GLU A 108 -11.33 -8.06 12.18
N GLN A 109 -10.53 -8.32 11.17
CA GLN A 109 -10.02 -9.63 10.82
C GLN A 109 -8.84 -10.14 11.64
N TYR A 110 -7.91 -9.25 11.98
CA TYR A 110 -6.69 -9.63 12.68
C TYR A 110 -6.65 -9.16 14.12
N LYS A 111 -7.66 -8.40 14.57
CA LYS A 111 -7.66 -7.87 15.92
C LYS A 111 -6.35 -7.11 16.18
N ALA A 112 -5.89 -6.38 15.16
CA ALA A 112 -4.68 -5.65 15.26
C ALA A 112 -4.88 -4.44 16.14
N ARG A 113 -3.85 -4.15 16.92
CA ARG A 113 -3.76 -2.92 17.70
C ARG A 113 -3.01 -1.79 17.02
N LEU A 114 -2.25 -2.13 15.99
CA LEU A 114 -1.33 -1.24 15.34
C LEU A 114 -1.35 -1.55 13.86
N MET A 115 -1.19 -0.52 13.04
CA MET A 115 -0.84 -0.67 11.64
C MET A 115 0.55 -0.12 11.44
N LYS A 116 1.40 -0.89 10.76
CA LYS A 116 2.69 -0.48 10.30
C LYS A 116 2.65 -0.09 8.83
N ILE A 117 3.33 0.99 8.46
CA ILE A 117 3.55 1.37 7.07
C ILE A 117 5.00 1.80 6.96
N SER A 118 5.71 1.29 5.97
CA SER A 118 7.05 1.68 5.63
C SER A 118 7.02 2.47 4.33
N CYS A 119 7.73 3.57 4.28
CA CYS A 119 7.72 4.45 3.12
C CYS A 119 9.12 4.87 2.77
N PHE A 120 9.51 4.69 1.51
CA PHE A 120 10.80 5.13 1.06
C PHE A 120 10.92 6.65 1.08
N ASN A 121 12.13 7.12 1.37
CA ASN A 121 12.34 8.54 1.61
C ASN A 121 11.94 9.41 0.45
N ALA A 122 12.10 8.95 -0.80
CA ALA A 122 11.84 9.79 -1.93
C ALA A 122 10.37 10.05 -2.15
N ASN A 123 9.52 9.23 -1.53
CA ASN A 123 8.07 9.29 -1.71
C ASN A 123 7.47 10.31 -0.74
N ALA A 124 7.66 11.60 -1.04
CA ALA A 124 7.16 12.68 -0.18
C ALA A 124 5.67 12.62 -0.04
N ALA A 125 5.00 12.33 -1.17
CA ALA A 125 3.53 12.33 -1.12
C ALA A 125 3.03 11.26 -0.12
N GLY A 126 3.66 10.11 -0.12
CA GLY A 126 3.31 9.08 0.82
C GLY A 126 3.59 9.49 2.25
N LEU A 127 4.78 10.02 2.51
CA LEU A 127 5.13 10.41 3.86
C LEU A 127 4.13 11.42 4.42
N LEU A 128 3.74 12.38 3.60
CA LEU A 128 2.79 13.41 4.01
C LEU A 128 1.38 12.87 4.22
N LEU A 129 0.96 11.97 3.37
CA LEU A 129 -0.34 11.39 3.57
C LEU A 129 -0.40 10.54 4.81
N TYR A 130 0.57 9.68 5.03
CA TYR A 130 0.54 8.86 6.22
C TYR A 130 0.59 9.72 7.45
N THR A 131 1.34 10.82 7.42
CA THR A 131 1.36 11.76 8.51
C THR A 131 -0.04 12.35 8.75
N GLN A 132 -0.72 12.78 7.70
CA GLN A 132 -2.10 13.33 7.83
C GLN A 132 -3.04 12.31 8.46
N LEU A 133 -2.81 11.04 8.21
CA LEU A 133 -3.67 9.96 8.71
C LEU A 133 -3.29 9.51 10.11
N GLY A 134 -2.29 10.13 10.73
CA GLY A 134 -1.97 9.81 12.10
C GLY A 134 -0.82 8.88 12.31
N TYR A 135 -0.12 8.47 11.26
CA TYR A 135 1.05 7.62 11.41
C TYR A 135 2.23 8.46 11.88
N GLN A 136 3.07 7.85 12.72
CA GLN A 136 4.25 8.52 13.25
C GLN A 136 5.47 7.75 12.89
N PRO A 137 6.58 8.47 12.62
CA PRO A 137 7.77 7.74 12.27
C PRO A 137 8.39 7.12 13.50
N ARG A 138 8.90 5.91 13.38
CA ARG A 138 9.51 5.20 14.45
C ARG A 138 10.97 4.88 14.24
N ALA A 139 11.36 4.53 13.02
CA ALA A 139 12.72 4.19 12.74
C ALA A 139 13.01 4.43 11.28
N ILE A 140 14.29 4.46 10.94
CA ILE A 140 14.76 4.56 9.58
C ILE A 140 15.74 3.43 9.33
N ALA A 141 15.50 2.66 8.27
CA ALA A 141 16.31 1.54 7.90
C ALA A 141 17.00 1.85 6.57
N GLU A 142 18.18 1.31 6.39
CA GLU A 142 18.91 1.42 5.15
C GLU A 142 18.43 0.34 4.19
N ARG A 143 18.16 0.74 2.97
CA ARG A 143 17.85 -0.17 1.88
C ARG A 143 18.61 0.28 0.63
N HIS A 144 18.46 -0.48 -0.45
CA HIS A 144 19.10 -0.13 -1.69
C HIS A 144 18.08 -0.21 -2.82
N ASP A 145 18.20 0.75 -3.73
CA ASP A 145 17.30 0.84 -4.86
C ASP A 145 17.84 -0.03 -6.00
N PRO A 146 17.12 -0.07 -7.14
CA PRO A 146 17.55 -0.98 -8.20
C PRO A 146 18.88 -0.61 -8.81
N ASP A 147 19.38 0.58 -8.62
CA ASP A 147 20.68 1.00 -9.09
C ASP A 147 21.76 0.80 -8.03
N GLY A 148 21.41 0.14 -6.94
CA GLY A 148 22.33 -0.08 -5.86
C GLY A 148 22.63 1.12 -5.01
N ARG A 149 21.83 2.18 -5.16
CA ARG A 149 21.98 3.40 -4.39
C ARG A 149 21.28 3.27 -3.03
N ARG A 150 21.89 3.82 -1.99
CA ARG A 150 21.34 3.73 -0.66
C ARG A 150 20.15 4.66 -0.50
N VAL A 151 19.08 4.12 0.04
CA VAL A 151 17.87 4.86 0.34
C VAL A 151 17.47 4.60 1.78
N ALA A 152 16.60 5.45 2.28
CA ALA A 152 16.14 5.40 3.67
C ALA A 152 14.69 4.97 3.68
N LEU A 153 14.40 3.88 4.38
CA LEU A 153 13.05 3.37 4.52
C LEU A 153 12.52 3.85 5.88
N ILE A 154 11.49 4.70 5.83
N ILE A 154 11.50 4.72 5.83
CA ILE A 154 10.95 5.27 7.05
CA ILE A 154 10.92 5.32 7.03
C ILE A 154 9.82 4.39 7.53
C ILE A 154 9.83 4.39 7.53
N GLN A 155 10.02 3.80 8.70
CA GLN A 155 9.08 2.85 9.28
C GLN A 155 8.15 3.62 10.22
N MET A 156 6.87 3.61 9.95
CA MET A 156 5.87 4.36 10.62
C MET A 156 4.83 3.41 11.24
N ASP A 157 4.07 3.91 12.21
CA ASP A 157 2.98 3.12 12.74
C ASP A 157 1.89 4.05 13.29
N LYS A 158 0.78 3.40 13.63
CA LYS A 158 -0.40 4.09 14.11
C LYS A 158 -1.20 3.11 14.98
N PRO A 159 -1.65 3.51 16.21
CA PRO A 159 -2.56 2.68 16.97
C PRO A 159 -3.93 2.58 16.29
N LEU A 160 -4.44 1.34 16.42
N LEU A 160 -4.62 1.46 16.33
CA LEU A 160 -5.81 0.90 16.09
CA LEU A 160 -5.92 1.38 15.61
C LEU A 160 -6.57 0.34 17.32
C LEU A 160 -7.19 1.45 16.51
N GLU A 161 -7.62 1.02 17.73
N GLU A 161 -7.06 0.79 17.67
CA GLU A 161 -8.43 0.52 18.90
CA GLU A 161 -8.11 0.64 18.73
C GLU A 161 -9.55 -0.41 18.47
C GLU A 161 -9.27 -0.32 18.45
#